data_9ECI
#
_entry.id   9ECI
#
_cell.length_a   102.237
_cell.length_b   75.343
_cell.length_c   69.651
_cell.angle_alpha   90.000
_cell.angle_beta   106.280
_cell.angle_gamma   90.000
#
_symmetry.space_group_name_H-M   'C 1 2 1'
#
loop_
_entity.id
_entity.type
_entity.pdbx_description
1 polymer '5E5 Fab heavy chain'
2 polymer '5E5 Fab light chain'
3 non-polymer (4S)-2-METHYL-2,4-PENTANEDIOL
4 water water
#
loop_
_entity_poly.entity_id
_entity_poly.type
_entity_poly.pdbx_seq_one_letter_code
_entity_poly.pdbx_strand_id
1 'polypeptide(L)'
;QVQLVQSGAEVKKTGSSVKVSCKASGYTFTDHAIHWVRQAPGQALEWMGHFSPGNTDIKYNDKFKGRVTLTVDRSMSTAY
MELSSLRSEDTAMYYCKTSTFFFDYWGQGTMVTVSSASTKGPSVFPLAPSSKSTSGGTAALGCLVKDYFPEPVTVSWNSG
ALTSGVHTFPAVLQSSGLYSLSSVVTVPSSSLGTQTYICNVNHKPSNTKVDKKVEPKSC
;
H
2 'polypeptide(L)'
;DIVMTQSPDSLAVSLGERATINCKSSQSLLNSGDQKNYLTWYQQKPGQPPKLLIYWASTRESGVPDRFSGSGSGTDFTLT
ISSLQAEDVAVYYCQNDYSYPLTFGQGTKVEIKRTVAAPSVFIFPPSDEQLKSGTASVVCLLNNFYPREAKVQWKVDNAL
QSGNSQESVTEQDSKDSTYSLSSTLTLSKADYEKHKVYACEVTHQGLSSPVTKSFNRGEC
;
L
#
# COMPACT_ATOMS: atom_id res chain seq x y z
N GLN A 1 16.62 1.17 -23.88
CA GLN A 1 15.95 1.22 -22.58
C GLN A 1 15.09 -0.04 -22.34
N VAL A 2 15.47 -0.81 -21.33
CA VAL A 2 14.74 -2.02 -20.99
C VAL A 2 13.40 -1.64 -20.39
N GLN A 3 12.33 -2.27 -20.87
CA GLN A 3 10.99 -2.00 -20.39
C GLN A 3 10.21 -3.29 -20.31
N LEU A 4 9.43 -3.45 -19.25
CA LEU A 4 8.43 -4.50 -19.14
C LEU A 4 7.09 -3.82 -18.90
N VAL A 5 6.16 -3.97 -19.84
CA VAL A 5 4.89 -3.25 -19.76
C VAL A 5 3.78 -4.29 -19.62
N GLN A 6 3.07 -4.22 -18.51
CA GLN A 6 2.03 -5.20 -18.25
C GLN A 6 0.66 -4.72 -18.69
N SER A 7 -0.25 -5.66 -18.87
CA SER A 7 -1.62 -5.34 -19.19
C SER A 7 -2.31 -4.66 -18.00
N GLY A 8 -3.48 -4.05 -18.29
CA GLY A 8 -4.16 -3.23 -17.30
C GLY A 8 -4.88 -4.05 -16.23
N ALA A 9 -5.37 -3.32 -15.21
CA ALA A 9 -6.07 -3.94 -14.10
C ALA A 9 -7.32 -4.69 -14.56
N GLU A 10 -7.64 -5.76 -13.83
CA GLU A 10 -8.79 -6.61 -14.16
C GLU A 10 -9.63 -6.88 -12.94
N VAL A 11 -10.95 -6.92 -13.14
CA VAL A 11 -11.89 -7.40 -12.13
C VAL A 11 -12.45 -8.72 -12.60
N LYS A 12 -12.48 -9.72 -11.72
CA LYS A 12 -13.00 -11.02 -12.06
C LYS A 12 -13.84 -11.55 -10.91
N LYS A 13 -14.89 -12.31 -11.23
CA LYS A 13 -15.69 -12.94 -10.19
C LYS A 13 -15.00 -14.20 -9.70
N THR A 14 -15.37 -14.63 -8.49
N THR A 14 -15.32 -14.61 -8.48
CA THR A 14 -14.88 -15.89 -7.95
CA THR A 14 -14.71 -15.84 -7.97
C THR A 14 -15.14 -17.02 -8.93
C THR A 14 -15.08 -16.98 -8.92
N GLY A 15 -14.13 -17.88 -9.11
CA GLY A 15 -14.26 -18.98 -10.05
C GLY A 15 -13.83 -18.70 -11.47
N SER A 16 -13.62 -17.43 -11.83
CA SER A 16 -13.24 -17.06 -13.18
C SER A 16 -11.74 -17.24 -13.38
N SER A 17 -11.24 -16.79 -14.53
N SER A 17 -11.24 -16.77 -14.52
CA SER A 17 -9.83 -16.84 -14.86
CA SER A 17 -9.83 -16.85 -14.86
C SER A 17 -9.37 -15.45 -15.27
C SER A 17 -9.35 -15.51 -15.38
N VAL A 18 -8.07 -15.22 -15.17
CA VAL A 18 -7.46 -13.98 -15.65
C VAL A 18 -6.16 -14.33 -16.36
N LYS A 19 -5.86 -13.58 -17.40
CA LYS A 19 -4.61 -13.75 -18.12
C LYS A 19 -3.94 -12.40 -18.23
N VAL A 20 -2.79 -12.26 -17.57
CA VAL A 20 -2.01 -11.04 -17.51
C VAL A 20 -0.86 -11.16 -18.50
N SER A 21 -0.58 -10.09 -19.24
CA SER A 21 0.53 -10.08 -20.19
C SER A 21 1.64 -9.14 -19.74
N CYS A 22 2.82 -9.38 -20.30
N CYS A 22 2.84 -9.42 -20.22
CA CYS A 22 4.04 -8.69 -19.90
CA CYS A 22 4.04 -8.66 -19.89
C CYS A 22 4.85 -8.54 -21.18
C CYS A 22 4.84 -8.53 -21.17
N LYS A 23 4.84 -7.35 -21.77
CA LYS A 23 5.53 -7.10 -23.03
C LYS A 23 6.93 -6.58 -22.75
N ALA A 24 7.94 -7.31 -23.22
CA ALA A 24 9.34 -6.99 -22.98
C ALA A 24 9.90 -6.22 -24.17
N SER A 25 10.73 -5.22 -23.88
CA SER A 25 11.42 -4.51 -24.95
C SER A 25 12.77 -4.02 -24.46
N GLY A 26 13.65 -3.70 -25.41
CA GLY A 26 14.95 -3.13 -25.08
C GLY A 26 16.06 -4.12 -24.82
N TYR A 27 15.82 -5.41 -25.02
CA TYR A 27 16.82 -6.45 -24.87
C TYR A 27 16.33 -7.65 -25.68
N THR A 28 17.22 -8.62 -25.89
CA THR A 28 16.84 -9.83 -26.60
C THR A 28 16.04 -10.73 -25.66
N PHE A 29 14.78 -10.99 -26.05
CA PHE A 29 13.81 -11.64 -25.17
C PHE A 29 14.34 -12.94 -24.57
N THR A 30 15.08 -13.72 -25.37
CA THR A 30 15.53 -15.03 -24.92
C THR A 30 16.73 -14.98 -23.98
N ASP A 31 17.27 -13.79 -23.69
CA ASP A 31 18.45 -13.68 -22.82
C ASP A 31 18.14 -13.83 -21.33
N HIS A 32 16.86 -13.73 -20.91
CA HIS A 32 16.52 -13.79 -19.48
C HIS A 32 15.22 -14.53 -19.23
N ALA A 33 15.18 -15.29 -18.15
CA ALA A 33 13.91 -15.86 -17.72
C ALA A 33 12.98 -14.75 -17.24
N ILE A 34 11.69 -14.97 -17.42
CA ILE A 34 10.67 -14.07 -16.90
C ILE A 34 10.09 -14.72 -15.65
N HIS A 35 10.16 -14.02 -14.53
CA HIS A 35 9.59 -14.49 -13.27
C HIS A 35 8.30 -13.74 -12.97
N TRP A 36 7.41 -14.40 -12.23
CA TRP A 36 6.14 -13.81 -11.81
C TRP A 36 6.07 -13.82 -10.30
N VAL A 37 5.79 -12.66 -9.73
CA VAL A 37 5.77 -12.42 -8.30
C VAL A 37 4.48 -11.67 -8.01
N ARG A 38 3.76 -12.06 -6.95
CA ARG A 38 2.58 -11.29 -6.63
C ARG A 38 2.61 -10.80 -5.19
N GLN A 39 1.68 -9.90 -4.88
CA GLN A 39 1.63 -9.27 -3.57
C GLN A 39 0.18 -8.90 -3.28
N ALA A 40 -0.43 -9.60 -2.32
CA ALA A 40 -1.77 -9.24 -1.88
C ALA A 40 -1.68 -7.95 -1.07
N PRO A 41 -2.79 -7.20 -0.97
CA PRO A 41 -2.73 -5.88 -0.31
C PRO A 41 -2.16 -5.95 1.10
N GLY A 42 -1.07 -5.21 1.30
CA GLY A 42 -0.46 -5.13 2.61
C GLY A 42 0.36 -6.35 3.01
N GLN A 43 0.58 -7.28 2.09
CA GLN A 43 1.21 -8.56 2.39
C GLN A 43 2.58 -8.66 1.73
N ALA A 44 3.25 -9.79 1.97
CA ALA A 44 4.60 -9.99 1.48
C ALA A 44 4.60 -10.41 0.02
N LEU A 45 5.75 -10.19 -0.62
CA LEU A 45 5.99 -10.73 -1.95
C LEU A 45 5.90 -12.25 -1.92
N GLU A 46 5.39 -12.81 -3.03
CA GLU A 46 5.21 -14.24 -3.19
C GLU A 46 5.65 -14.64 -4.59
N TRP A 47 6.53 -15.64 -4.70
CA TRP A 47 7.04 -16.08 -5.99
C TRP A 47 6.14 -17.14 -6.59
N MET A 48 5.74 -16.93 -7.86
CA MET A 48 4.79 -17.82 -8.51
C MET A 48 5.45 -18.86 -9.41
N GLY A 49 6.47 -18.46 -10.16
CA GLY A 49 7.11 -19.35 -11.12
C GLY A 49 7.93 -18.53 -12.09
N HIS A 50 8.56 -19.25 -13.03
CA HIS A 50 9.27 -18.58 -14.10
C HIS A 50 9.11 -19.32 -15.42
N PHE A 51 9.34 -18.58 -16.50
CA PHE A 51 9.40 -19.12 -17.86
C PHE A 51 10.69 -18.62 -18.49
N SER A 52 11.56 -19.55 -18.91
CA SER A 52 12.79 -19.15 -19.59
C SER A 52 12.58 -19.24 -21.11
N PRO A 53 12.42 -18.11 -21.83
CA PRO A 53 11.89 -18.21 -23.20
C PRO A 53 12.81 -18.89 -24.20
N GLY A 54 14.12 -18.81 -24.01
CA GLY A 54 15.04 -19.37 -24.99
C GLY A 54 14.93 -20.88 -25.11
N ASN A 55 14.58 -21.57 -24.01
CA ASN A 55 14.61 -23.02 -24.01
C ASN A 55 13.38 -23.64 -23.34
N THR A 56 12.38 -22.85 -22.99
CA THR A 56 11.11 -23.36 -22.47
C THR A 56 11.29 -24.17 -21.19
N ASP A 57 12.13 -23.67 -20.27
CA ASP A 57 12.17 -24.19 -18.91
C ASP A 57 11.11 -23.44 -18.11
N ILE A 58 10.07 -24.16 -17.68
CA ILE A 58 8.97 -23.60 -16.92
C ILE A 58 8.98 -24.21 -15.53
N LYS A 59 9.00 -23.37 -14.52
CA LYS A 59 9.03 -23.80 -13.12
C LYS A 59 7.89 -23.12 -12.37
N TYR A 60 7.19 -23.89 -11.55
CA TYR A 60 6.08 -23.39 -10.78
C TYR A 60 6.31 -23.60 -9.30
N ASN A 61 5.85 -22.63 -8.52
CA ASN A 61 5.65 -22.84 -7.10
C ASN A 61 4.49 -23.82 -6.94
N ASP A 62 4.69 -24.90 -6.16
CA ASP A 62 3.60 -25.86 -5.96
C ASP A 62 2.33 -25.22 -5.41
N LYS A 63 2.45 -24.08 -4.73
CA LYS A 63 1.26 -23.39 -4.25
C LYS A 63 0.32 -23.04 -5.40
N PHE A 64 0.87 -22.82 -6.60
CA PHE A 64 0.08 -22.40 -7.75
C PHE A 64 0.03 -23.41 -8.87
N LYS A 65 0.85 -24.46 -8.82
CA LYS A 65 0.90 -25.41 -9.91
C LYS A 65 -0.48 -25.98 -10.21
N GLY A 66 -0.83 -26.03 -11.48
CA GLY A 66 -2.11 -26.55 -11.90
C GLY A 66 -3.24 -25.54 -11.90
N ARG A 67 -3.11 -24.44 -11.16
CA ARG A 67 -4.02 -23.31 -11.28
C ARG A 67 -3.43 -22.17 -12.08
N VAL A 68 -2.11 -22.11 -12.23
N VAL A 68 -2.10 -22.10 -12.19
CA VAL A 68 -1.47 -21.08 -13.01
CA VAL A 68 -1.39 -21.10 -13.00
C VAL A 68 -0.78 -21.75 -14.19
C VAL A 68 -0.80 -21.78 -14.21
N THR A 69 -0.80 -21.07 -15.35
CA THR A 69 -0.12 -21.52 -16.54
C THR A 69 0.72 -20.36 -17.05
N LEU A 70 2.02 -20.59 -17.20
CA LEU A 70 2.93 -19.60 -17.75
C LEU A 70 3.19 -19.94 -19.22
N THR A 71 3.05 -18.94 -20.08
CA THR A 71 3.33 -19.09 -21.51
C THR A 71 4.10 -17.87 -21.99
N VAL A 72 4.64 -17.96 -23.21
CA VAL A 72 5.26 -16.82 -23.88
C VAL A 72 4.80 -16.83 -25.33
N ASP A 73 4.79 -15.64 -25.94
CA ASP A 73 4.69 -15.45 -27.39
C ASP A 73 6.05 -14.86 -27.77
N ARG A 74 7.00 -15.73 -28.13
N ARG A 74 7.00 -15.73 -28.10
CA ARG A 74 8.34 -15.25 -28.46
CA ARG A 74 8.36 -15.28 -28.41
C ARG A 74 8.32 -14.29 -29.64
C ARG A 74 8.37 -14.33 -29.60
N SER A 75 7.42 -14.53 -30.60
N SER A 75 7.45 -14.52 -30.55
CA SER A 75 7.30 -13.64 -31.76
CA SER A 75 7.39 -13.62 -31.70
C SER A 75 6.96 -12.21 -31.35
C SER A 75 7.06 -12.20 -31.28
N MET A 76 6.22 -12.03 -30.26
CA MET A 76 5.87 -10.71 -29.76
C MET A 76 6.60 -10.33 -28.47
N SER A 77 7.64 -11.09 -28.09
N SER A 77 7.63 -11.08 -28.08
CA SER A 77 8.43 -10.81 -26.89
CA SER A 77 8.43 -10.77 -26.90
C SER A 77 7.53 -10.54 -25.68
C SER A 77 7.54 -10.55 -25.67
N THR A 78 6.51 -11.39 -25.52
CA THR A 78 5.52 -11.23 -24.45
C THR A 78 5.39 -12.50 -23.63
N ALA A 79 5.33 -12.33 -22.31
CA ALA A 79 5.08 -13.41 -21.37
C ALA A 79 3.68 -13.27 -20.80
N TYR A 80 3.05 -14.41 -20.52
CA TYR A 80 1.70 -14.42 -19.97
C TYR A 80 1.62 -15.24 -18.70
N MET A 81 0.73 -14.82 -17.82
CA MET A 81 0.40 -15.55 -16.61
C MET A 81 -1.11 -15.74 -16.61
N GLU A 82 -1.57 -16.98 -16.65
CA GLU A 82 -3.01 -17.26 -16.59
C GLU A 82 -3.31 -17.98 -15.29
N LEU A 83 -4.25 -17.42 -14.51
CA LEU A 83 -4.59 -17.94 -13.20
C LEU A 83 -6.09 -18.26 -13.24
N SER A 84 -6.43 -19.52 -12.98
CA SER A 84 -7.80 -19.99 -13.08
C SER A 84 -8.42 -20.22 -11.70
N SER A 85 -9.72 -20.49 -11.71
CA SER A 85 -10.50 -20.75 -10.49
C SER A 85 -10.18 -19.72 -9.42
N LEU A 86 -10.37 -18.45 -9.78
CA LEU A 86 -9.91 -17.36 -8.94
C LEU A 86 -10.61 -17.35 -7.58
N ARG A 87 -9.83 -17.02 -6.54
CA ARG A 87 -10.31 -16.99 -5.17
CA ARG A 87 -10.29 -17.00 -5.16
C ARG A 87 -9.96 -15.64 -4.56
N SER A 88 -10.50 -15.40 -3.37
CA SER A 88 -10.26 -14.14 -2.68
C SER A 88 -8.77 -13.90 -2.44
N GLU A 89 -8.01 -14.97 -2.14
CA GLU A 89 -6.58 -14.87 -1.95
C GLU A 89 -5.85 -14.34 -3.17
N ASP A 90 -6.49 -14.37 -4.34
CA ASP A 90 -5.82 -13.96 -5.56
C ASP A 90 -5.94 -12.47 -5.84
N THR A 91 -6.74 -11.73 -5.06
CA THR A 91 -6.71 -10.27 -5.18
C THR A 91 -5.32 -9.77 -4.80
N ALA A 92 -4.64 -9.15 -5.76
CA ALA A 92 -3.22 -8.89 -5.56
C ALA A 92 -2.67 -8.09 -6.73
N MET A 93 -1.49 -7.55 -6.52
N MET A 93 -1.52 -7.49 -6.51
CA MET A 93 -0.69 -6.95 -7.59
CA MET A 93 -0.70 -6.98 -7.59
C MET A 93 0.25 -8.02 -8.14
C MET A 93 0.16 -8.11 -8.13
N TYR A 94 0.16 -8.28 -9.44
CA TYR A 94 0.97 -9.28 -10.11
C TYR A 94 2.07 -8.59 -10.89
N TYR A 95 3.32 -9.02 -10.68
CA TYR A 95 4.48 -8.45 -11.36
C TYR A 95 5.16 -9.50 -12.22
N CYS A 96 5.59 -9.07 -13.40
N CYS A 96 5.66 -9.04 -13.37
CA CYS A 96 6.64 -9.81 -14.08
CA CYS A 96 6.61 -9.80 -14.17
C CYS A 96 7.97 -9.13 -13.84
C CYS A 96 7.97 -9.10 -14.05
N LYS A 97 9.05 -9.90 -13.97
CA LYS A 97 10.39 -9.34 -13.83
C LYS A 97 11.35 -10.25 -14.57
N THR A 98 12.50 -9.67 -14.94
CA THR A 98 13.53 -10.43 -15.65
C THR A 98 14.55 -11.01 -14.69
N SER A 99 15.03 -12.21 -15.04
CA SER A 99 16.15 -12.86 -14.37
C SER A 99 15.87 -13.14 -12.90
N THR A 100 16.88 -13.66 -12.22
CA THR A 100 16.84 -13.85 -10.77
C THR A 100 17.36 -12.58 -10.10
N PHE A 101 18.67 -12.34 -10.19
CA PHE A 101 19.22 -11.12 -9.65
C PHE A 101 20.31 -10.55 -10.55
N PHE A 102 20.29 -10.87 -11.85
CA PHE A 102 21.32 -10.41 -12.76
C PHE A 102 20.84 -9.33 -13.73
N PHE A 103 19.55 -8.96 -13.68
CA PHE A 103 19.00 -8.04 -14.66
C PHE A 103 17.74 -7.45 -14.06
N ASP A 104 17.90 -6.53 -13.12
CA ASP A 104 16.78 -6.14 -12.25
C ASP A 104 15.86 -5.16 -12.97
N TYR A 105 14.80 -5.69 -13.57
CA TYR A 105 13.76 -4.93 -14.23
C TYR A 105 12.44 -5.56 -13.90
N TRP A 106 11.46 -4.74 -13.56
CA TRP A 106 10.14 -5.20 -13.17
C TRP A 106 9.09 -4.48 -14.00
N GLY A 107 8.02 -5.19 -14.33
CA GLY A 107 6.85 -4.52 -14.89
C GLY A 107 6.20 -3.64 -13.83
N GLN A 108 5.23 -2.82 -14.27
CA GLN A 108 4.65 -1.84 -13.36
C GLN A 108 3.59 -2.46 -12.46
N GLY A 109 3.27 -3.73 -12.65
CA GLY A 109 2.27 -4.42 -11.86
C GLY A 109 0.91 -4.36 -12.50
N THR A 110 0.13 -5.42 -12.28
CA THR A 110 -1.26 -5.54 -12.72
C THR A 110 -2.10 -5.88 -11.49
N MET A 111 -3.08 -5.05 -11.18
N MET A 111 -3.06 -5.02 -11.17
CA MET A 111 -3.97 -5.32 -10.04
CA MET A 111 -3.98 -5.30 -10.07
C MET A 111 -5.11 -6.20 -10.52
C MET A 111 -5.08 -6.24 -10.58
N VAL A 112 -5.26 -7.35 -9.88
CA VAL A 112 -6.39 -8.25 -10.13
C VAL A 112 -7.28 -8.18 -8.90
N THR A 113 -8.55 -7.83 -9.09
CA THR A 113 -9.49 -7.74 -7.98
C THR A 113 -10.54 -8.82 -8.17
N VAL A 114 -10.63 -9.74 -7.22
CA VAL A 114 -11.60 -10.82 -7.30
C VAL A 114 -12.81 -10.38 -6.49
N SER A 115 -13.92 -10.12 -7.17
CA SER A 115 -15.07 -9.50 -6.53
C SER A 115 -16.27 -9.63 -7.46
N SER A 116 -17.47 -9.62 -6.85
CA SER A 116 -18.70 -9.55 -7.62
C SER A 116 -19.24 -8.14 -7.77
N ALA A 117 -18.50 -7.16 -7.27
CA ALA A 117 -18.95 -5.78 -7.38
C ALA A 117 -18.95 -5.29 -8.82
N SER A 118 -19.93 -4.44 -9.13
CA SER A 118 -19.97 -3.77 -10.42
C SER A 118 -19.16 -2.49 -10.35
N THR A 119 -18.56 -2.11 -11.48
CA THR A 119 -17.83 -0.86 -11.57
C THR A 119 -18.77 0.30 -11.28
N LYS A 120 -18.35 1.18 -10.36
CA LYS A 120 -19.21 2.21 -9.81
C LYS A 120 -18.36 3.41 -9.42
N GLY A 121 -18.74 4.61 -9.86
CA GLY A 121 -18.04 5.80 -9.44
C GLY A 121 -18.44 6.21 -8.03
N PRO A 122 -17.61 7.00 -7.38
CA PRO A 122 -17.87 7.38 -5.98
C PRO A 122 -18.94 8.44 -5.85
N SER A 123 -19.60 8.40 -4.69
CA SER A 123 -20.37 9.53 -4.20
C SER A 123 -19.39 10.42 -3.45
N VAL A 124 -19.45 11.72 -3.69
CA VAL A 124 -18.49 12.63 -3.06
C VAL A 124 -19.28 13.59 -2.17
N PHE A 125 -18.94 13.59 -0.87
CA PHE A 125 -19.63 14.40 0.12
C PHE A 125 -18.65 15.36 0.79
N PRO A 126 -19.09 16.54 1.18
CA PRO A 126 -18.19 17.49 1.83
C PRO A 126 -17.93 17.12 3.28
N LEU A 127 -16.71 17.41 3.71
CA LEU A 127 -16.32 17.38 5.12
C LEU A 127 -16.11 18.85 5.45
N ALA A 128 -17.14 19.49 5.98
CA ALA A 128 -17.13 20.94 6.03
C ALA A 128 -16.28 21.46 7.19
N PRO A 129 -15.62 22.61 7.01
CA PRO A 129 -14.87 23.20 8.13
C PRO A 129 -15.83 23.62 9.23
N SER A 130 -15.52 23.23 10.46
CA SER A 130 -16.41 23.43 11.60
C SER A 130 -16.59 24.91 11.95
N GLY A 136 -4.95 28.99 17.52
CA GLY A 136 -5.23 28.12 16.39
C GLY A 136 -5.99 28.81 15.27
N GLY A 137 -5.30 29.08 14.16
CA GLY A 137 -5.93 29.71 13.01
C GLY A 137 -6.07 28.75 11.84
N THR A 138 -6.00 27.45 12.11
CA THR A 138 -6.05 26.41 11.09
C THR A 138 -7.43 25.74 11.07
N ALA A 139 -7.99 25.57 9.87
CA ALA A 139 -9.23 24.86 9.67
C ALA A 139 -9.01 23.63 8.80
N ALA A 140 -9.64 22.52 9.15
CA ALA A 140 -9.57 21.32 8.32
C ALA A 140 -10.88 21.16 7.56
N LEU A 141 -10.77 20.78 6.30
CA LEU A 141 -11.93 20.48 5.47
C LEU A 141 -11.56 19.31 4.58
N GLY A 142 -12.54 18.77 3.87
CA GLY A 142 -12.20 17.62 3.06
C GLY A 142 -13.37 17.14 2.22
N CYS A 143 -13.14 15.98 1.59
N CYS A 143 -13.15 16.00 1.55
CA CYS A 143 -14.15 15.31 0.79
CA CYS A 143 -14.19 15.32 0.80
C CYS A 143 -14.16 13.84 1.17
C CYS A 143 -14.17 13.85 1.17
N LEU A 144 -15.35 13.30 1.42
CA LEU A 144 -15.53 11.88 1.66
C LEU A 144 -15.88 11.26 0.32
N VAL A 145 -15.05 10.32 -0.13
CA VAL A 145 -15.15 9.70 -1.45
C VAL A 145 -15.63 8.27 -1.22
N LYS A 146 -16.95 8.05 -1.30
CA LYS A 146 -17.57 6.85 -0.77
C LYS A 146 -18.15 5.95 -1.84
N ASP A 147 -18.00 4.64 -1.65
CA ASP A 147 -18.75 3.62 -2.38
C ASP A 147 -18.38 3.58 -3.85
N TYR A 148 -17.09 3.38 -4.14
CA TYR A 148 -16.65 3.21 -5.51
C TYR A 148 -16.00 1.85 -5.69
N PHE A 149 -15.90 1.43 -6.95
CA PHE A 149 -15.30 0.14 -7.25
C PHE A 149 -14.93 0.13 -8.72
N PRO A 150 -13.79 -0.46 -9.11
CA PRO A 150 -12.69 -0.94 -8.28
C PRO A 150 -11.74 0.20 -7.92
N GLU A 151 -10.62 -0.11 -7.29
CA GLU A 151 -9.52 0.84 -7.19
C GLU A 151 -8.99 1.15 -8.60
N PRO A 152 -8.33 2.30 -8.79
CA PRO A 152 -8.03 3.38 -7.85
C PRO A 152 -8.84 4.65 -8.07
N VAL A 153 -8.83 5.58 -7.12
CA VAL A 153 -9.31 6.94 -7.37
C VAL A 153 -8.12 7.87 -7.18
N THR A 154 -8.19 9.04 -7.81
CA THR A 154 -7.25 10.10 -7.52
C THR A 154 -8.02 11.31 -7.00
N VAL A 155 -7.40 12.07 -6.10
CA VAL A 155 -8.01 13.30 -5.62
C VAL A 155 -6.97 14.41 -5.73
N SER A 156 -7.37 15.54 -6.29
CA SER A 156 -6.58 16.76 -6.21
C SER A 156 -7.45 17.86 -5.59
N TRP A 157 -6.81 18.97 -5.26
CA TRP A 157 -7.51 20.11 -4.70
C TRP A 157 -7.23 21.32 -5.59
N ASN A 158 -8.27 22.08 -5.90
CA ASN A 158 -8.19 23.27 -6.74
C ASN A 158 -7.37 23.00 -8.01
N SER A 159 -7.69 21.87 -8.64
CA SER A 159 -7.07 21.43 -9.89
C SER A 159 -5.55 21.30 -9.77
N GLY A 160 -5.07 20.95 -8.58
CA GLY A 160 -3.65 20.75 -8.35
C GLY A 160 -2.92 21.97 -7.82
N ALA A 161 -3.59 23.12 -7.74
CA ALA A 161 -2.97 24.32 -7.20
C ALA A 161 -2.74 24.22 -5.69
N LEU A 162 -3.55 23.41 -5.00
CA LEU A 162 -3.42 23.22 -3.56
C LEU A 162 -2.88 21.82 -3.27
N THR A 163 -1.62 21.75 -2.83
CA THR A 163 -1.02 20.48 -2.46
C THR A 163 -0.50 20.45 -1.03
N SER A 164 -0.07 21.59 -0.48
N SER A 164 -0.07 21.59 -0.50
CA SER A 164 0.46 21.61 0.86
CA SER A 164 0.44 21.64 0.87
C SER A 164 -0.62 21.33 1.89
C SER A 164 -0.67 21.29 1.86
N GLY A 165 -0.36 20.38 2.78
CA GLY A 165 -1.31 20.02 3.80
C GLY A 165 -2.42 19.09 3.37
N VAL A 166 -2.35 18.52 2.18
CA VAL A 166 -3.36 17.57 1.71
C VAL A 166 -2.99 16.17 2.20
N HIS A 167 -3.96 15.45 2.74
CA HIS A 167 -3.83 14.03 3.03
C HIS A 167 -4.98 13.30 2.37
N THR A 168 -4.67 12.48 1.38
CA THR A 168 -5.66 11.62 0.74
C THR A 168 -5.41 10.20 1.24
N PHE A 169 -6.33 9.72 2.09
CA PHE A 169 -6.08 8.48 2.80
C PHE A 169 -6.15 7.26 1.90
N PRO A 170 -5.40 6.21 2.21
CA PRO A 170 -5.60 4.93 1.52
C PRO A 170 -7.04 4.47 1.65
N ALA A 171 -7.54 3.83 0.59
CA ALA A 171 -8.90 3.33 0.62
C ALA A 171 -9.05 2.18 1.59
N VAL A 172 -10.24 2.07 2.17
N VAL A 172 -10.26 2.02 2.11
CA VAL A 172 -10.66 0.90 2.93
CA VAL A 172 -10.62 0.87 2.94
C VAL A 172 -11.74 0.19 2.11
C VAL A 172 -11.82 0.19 2.30
N LEU A 173 -11.73 -1.13 2.16
CA LEU A 173 -12.80 -1.93 1.56
C LEU A 173 -13.91 -2.11 2.60
N GLN A 174 -15.12 -1.69 2.26
CA GLN A 174 -16.26 -1.80 3.16
C GLN A 174 -16.91 -3.17 3.01
N SER A 175 -17.78 -3.52 3.97
CA SER A 175 -18.44 -4.82 3.91
C SER A 175 -19.33 -4.98 2.69
N SER A 176 -19.74 -3.87 2.08
CA SER A 176 -20.50 -3.89 0.84
C SER A 176 -19.67 -4.33 -0.36
N GLY A 177 -18.34 -4.46 -0.21
CA GLY A 177 -17.50 -4.71 -1.35
C GLY A 177 -17.09 -3.45 -2.11
N LEU A 178 -17.48 -2.28 -1.63
CA LEU A 178 -17.09 -1.02 -2.25
C LEU A 178 -16.06 -0.32 -1.38
N TYR A 179 -15.20 0.46 -2.04
CA TYR A 179 -14.12 1.18 -1.36
C TYR A 179 -14.60 2.55 -0.90
N SER A 180 -13.88 3.12 0.08
N SER A 180 -13.88 3.12 0.06
CA SER A 180 -14.16 4.46 0.55
CA SER A 180 -14.17 4.47 0.54
C SER A 180 -12.88 5.07 1.08
C SER A 180 -12.91 5.08 1.12
N LEU A 181 -12.77 6.39 0.95
CA LEU A 181 -11.66 7.14 1.54
C LEU A 181 -12.09 8.58 1.73
N SER A 182 -11.32 9.31 2.54
CA SER A 182 -11.44 10.75 2.62
C SER A 182 -10.15 11.40 2.17
N SER A 183 -10.29 12.60 1.61
CA SER A 183 -9.16 13.49 1.35
C SER A 183 -9.40 14.76 2.15
N VAL A 184 -8.39 15.17 2.92
CA VAL A 184 -8.51 16.33 3.79
C VAL A 184 -7.38 17.31 3.51
N VAL A 185 -7.64 18.58 3.85
CA VAL A 185 -6.60 19.60 3.75
C VAL A 185 -6.82 20.61 4.88
N THR A 186 -5.73 21.19 5.37
CA THR A 186 -5.84 22.23 6.38
C THR A 186 -5.47 23.55 5.73
N VAL A 187 -6.22 24.59 6.06
CA VAL A 187 -6.10 25.90 5.42
C VAL A 187 -6.24 26.98 6.49
N PRO A 188 -5.77 28.19 6.20
CA PRO A 188 -5.96 29.28 7.16
C PRO A 188 -7.44 29.63 7.30
N SER A 189 -7.90 29.77 8.55
CA SER A 189 -9.30 30.10 8.77
C SER A 189 -9.69 31.40 8.07
N SER A 190 -8.79 32.37 8.03
CA SER A 190 -9.06 33.65 7.38
C SER A 190 -9.31 33.52 5.88
N SER A 191 -9.01 32.38 5.27
CA SER A 191 -9.27 32.19 3.85
C SER A 191 -10.64 31.59 3.56
N LEU A 192 -11.37 31.17 4.59
CA LEU A 192 -12.61 30.42 4.35
C LEU A 192 -13.65 31.27 3.64
N GLY A 193 -13.67 32.58 3.86
CA GLY A 193 -14.65 33.40 3.18
C GLY A 193 -14.27 33.85 1.79
N THR A 194 -13.02 33.65 1.39
CA THR A 194 -12.48 34.25 0.20
C THR A 194 -11.99 33.24 -0.82
N GLN A 195 -11.44 32.12 -0.38
CA GLN A 195 -10.82 31.14 -1.27
C GLN A 195 -11.77 29.97 -1.42
N THR A 196 -12.11 29.63 -2.65
N THR A 196 -12.09 29.61 -2.66
CA THR A 196 -12.90 28.43 -2.90
CA THR A 196 -12.91 28.44 -2.92
C THR A 196 -12.00 27.21 -2.78
C THR A 196 -12.05 27.18 -2.87
N TYR A 197 -12.54 26.16 -2.19
CA TYR A 197 -11.83 24.89 -2.04
C TYR A 197 -12.65 23.82 -2.71
N ILE A 198 -12.09 23.21 -3.75
CA ILE A 198 -12.78 22.24 -4.58
C ILE A 198 -11.92 20.99 -4.67
N CYS A 199 -12.48 19.86 -4.26
N CYS A 199 -12.53 19.85 -4.44
CA CYS A 199 -11.79 18.60 -4.45
CA CYS A 199 -11.83 18.56 -4.43
C CYS A 199 -12.16 18.03 -5.82
C CYS A 199 -12.17 17.80 -5.71
N ASN A 200 -11.16 17.59 -6.56
CA ASN A 200 -11.34 17.00 -7.88
C ASN A 200 -11.13 15.50 -7.75
N VAL A 201 -12.23 14.74 -7.86
CA VAL A 201 -12.21 13.30 -7.61
C VAL A 201 -12.37 12.61 -8.96
N ASN A 202 -11.36 11.84 -9.35
CA ASN A 202 -11.39 11.16 -10.62
CA ASN A 202 -11.33 11.15 -10.64
C ASN A 202 -11.32 9.66 -10.38
N HIS A 203 -12.26 8.94 -10.99
CA HIS A 203 -12.32 7.48 -10.90
C HIS A 203 -12.30 6.96 -12.32
N LYS A 204 -11.08 6.69 -12.82
CA LYS A 204 -10.91 6.32 -14.22
C LYS A 204 -11.64 5.04 -14.59
N PRO A 205 -11.77 4.02 -13.73
CA PRO A 205 -12.49 2.81 -14.16
C PRO A 205 -13.92 3.06 -14.58
N SER A 206 -14.56 4.08 -14.01
CA SER A 206 -15.93 4.43 -14.38
C SER A 206 -16.00 5.71 -15.20
N ASN A 207 -14.84 6.26 -15.59
CA ASN A 207 -14.76 7.52 -16.33
C ASN A 207 -15.51 8.64 -15.61
N THR A 208 -15.49 8.64 -14.29
CA THR A 208 -16.19 9.68 -13.55
C THR A 208 -15.22 10.74 -13.06
N LYS A 209 -15.67 11.99 -13.12
CA LYS A 209 -14.92 13.14 -12.62
C LYS A 209 -15.89 14.02 -11.87
N VAL A 210 -15.61 14.25 -10.59
CA VAL A 210 -16.46 15.07 -9.71
C VAL A 210 -15.61 16.20 -9.17
N ASP A 211 -16.10 17.43 -9.32
CA ASP A 211 -15.49 18.59 -8.67
C ASP A 211 -16.47 19.08 -7.62
N LYS A 212 -16.16 18.88 -6.34
CA LYS A 212 -17.07 19.22 -5.26
C LYS A 212 -16.52 20.43 -4.49
N LYS A 213 -17.27 21.53 -4.50
CA LYS A 213 -16.89 22.69 -3.71
C LYS A 213 -17.27 22.44 -2.25
N VAL A 214 -16.33 22.67 -1.35
CA VAL A 214 -16.53 22.43 0.07
C VAL A 214 -16.64 23.78 0.76
N GLU A 215 -17.80 24.02 1.37
CA GLU A 215 -18.22 25.32 1.89
C GLU A 215 -18.30 25.29 3.42
N PRO A 216 -17.98 26.42 4.07
CA PRO A 216 -18.10 26.51 5.53
C PRO A 216 -19.56 26.62 5.99
N ASP B 1 10.52 -26.67 0.98
CA ASP B 1 10.43 -25.21 0.91
C ASP B 1 11.31 -24.59 1.97
N ILE B 2 12.07 -23.58 1.60
CA ILE B 2 12.88 -22.84 2.57
C ILE B 2 12.03 -21.73 3.15
N VAL B 3 11.99 -21.65 4.47
CA VAL B 3 11.27 -20.58 5.17
C VAL B 3 12.26 -19.46 5.49
N MET B 4 11.89 -18.24 5.09
CA MET B 4 12.68 -17.03 5.34
C MET B 4 11.98 -16.20 6.40
N THR B 5 12.67 -15.95 7.51
CA THR B 5 12.09 -15.25 8.66
C THR B 5 12.91 -14.00 8.93
N GLN B 6 12.29 -12.84 8.76
CA GLN B 6 12.95 -11.58 9.05
C GLN B 6 12.66 -11.10 10.46
N SER B 7 13.59 -10.31 11.00
N SER B 7 13.59 -10.31 11.00
CA SER B 7 13.43 -9.73 12.31
CA SER B 7 13.37 -9.71 12.30
C SER B 7 14.15 -8.38 12.33
C SER B 7 14.13 -8.40 12.36
N PRO B 8 13.54 -7.33 12.91
CA PRO B 8 12.18 -7.24 13.44
C PRO B 8 11.18 -7.11 12.32
N ASP B 9 9.88 -7.08 12.65
CA ASP B 9 8.87 -6.83 11.63
C ASP B 9 8.84 -5.37 11.23
N SER B 10 9.14 -4.48 12.17
CA SER B 10 9.16 -3.05 11.89
C SER B 10 10.27 -2.42 12.70
N LEU B 11 10.84 -1.35 12.14
CA LEU B 11 11.99 -0.70 12.73
C LEU B 11 11.81 0.81 12.61
N ALA B 12 12.01 1.53 13.70
CA ALA B 12 12.01 2.99 13.69
C ALA B 12 13.39 3.47 14.08
N VAL B 13 14.03 4.21 13.17
CA VAL B 13 15.43 4.60 13.32
C VAL B 13 15.51 6.10 13.06
N SER B 14 16.23 6.81 13.93
CA SER B 14 16.35 8.25 13.73
C SER B 14 17.20 8.56 12.50
N LEU B 15 16.95 9.71 11.89
CA LEU B 15 17.73 10.12 10.74
C LEU B 15 19.20 10.14 11.08
N GLY B 16 20.02 9.59 10.18
CA GLY B 16 21.45 9.54 10.38
C GLY B 16 21.94 8.37 11.21
N GLU B 17 21.04 7.58 11.78
N GLU B 17 21.04 7.58 11.78
CA GLU B 17 21.44 6.46 12.63
CA GLU B 17 21.41 6.46 12.62
C GLU B 17 21.33 5.14 11.85
C GLU B 17 21.37 5.15 11.84
N ARG B 18 21.74 4.06 12.49
CA ARG B 18 21.93 2.76 11.84
C ARG B 18 20.69 1.89 11.96
N ALA B 19 20.28 1.31 10.84
CA ALA B 19 19.18 0.34 10.82
C ALA B 19 19.76 -1.05 10.55
N THR B 20 19.32 -2.02 11.33
CA THR B 20 19.79 -3.39 11.20
C THR B 20 18.60 -4.33 11.04
N ILE B 21 18.60 -5.11 9.96
CA ILE B 21 17.51 -6.00 9.60
C ILE B 21 18.09 -7.40 9.46
N ASN B 22 17.51 -8.37 10.15
CA ASN B 22 18.02 -9.73 10.12
CA ASN B 22 18.01 -9.73 10.15
C ASN B 22 17.12 -10.63 9.30
N CYS B 23 17.71 -11.64 8.67
N CYS B 23 17.77 -11.60 8.67
CA CYS B 23 16.98 -12.61 7.87
CA CYS B 23 17.12 -12.65 7.92
C CYS B 23 17.57 -13.99 8.14
C CYS B 23 17.65 -13.98 8.42
N LYS B 24 16.75 -14.93 8.61
CA LYS B 24 17.17 -16.29 8.88
C LYS B 24 16.48 -17.24 7.93
N SER B 25 17.24 -18.14 7.32
CA SER B 25 16.69 -19.17 6.45
C SER B 25 16.64 -20.50 7.18
N SER B 26 15.66 -21.33 6.80
CA SER B 26 15.50 -22.62 7.48
C SER B 26 16.51 -23.66 7.00
N GLN B 27 17.20 -23.39 5.91
CA GLN B 27 18.24 -24.24 5.34
C GLN B 27 19.35 -23.34 4.87
N SER B 28 20.58 -23.87 4.86
CA SER B 28 21.71 -23.09 4.38
C SER B 28 21.51 -22.69 2.91
N LEU B 29 21.90 -21.46 2.61
CA LEU B 29 21.86 -20.93 1.25
C LEU B 29 23.24 -20.91 0.61
N LEU B 30 24.21 -21.58 1.23
CA LEU B 30 25.58 -21.56 0.72
C LEU B 30 25.75 -22.63 -0.35
N ASN B 31 26.05 -22.20 -1.58
N ASN B 31 26.13 -22.21 -1.55
CA ASN B 31 26.30 -23.12 -2.67
CA ASN B 31 26.30 -23.07 -2.73
C ASN B 31 27.71 -23.65 -2.62
C ASN B 31 27.73 -23.63 -2.74
N SER B 32 27.85 -24.97 -2.70
CA SER B 32 29.17 -25.59 -2.66
C SER B 32 30.01 -25.29 -3.89
N GLY B 33 29.38 -25.10 -5.05
CA GLY B 33 30.14 -24.95 -6.28
C GLY B 33 30.95 -23.67 -6.36
N ASP B 34 30.37 -22.54 -5.94
CA ASP B 34 31.05 -21.25 -5.99
C ASP B 34 31.25 -20.61 -4.63
N GLN B 35 30.83 -21.28 -3.55
CA GLN B 35 30.96 -20.79 -2.18
C GLN B 35 30.28 -19.44 -1.99
N LYS B 36 29.21 -19.20 -2.73
CA LYS B 36 28.42 -17.99 -2.56
C LYS B 36 27.12 -18.31 -1.86
N ASN B 37 26.65 -17.38 -1.04
CA ASN B 37 25.35 -17.50 -0.38
C ASN B 37 24.28 -16.88 -1.28
N TYR B 38 23.30 -17.69 -1.66
CA TYR B 38 22.28 -17.22 -2.61
C TYR B 38 21.12 -16.57 -1.84
N LEU B 39 21.45 -15.40 -1.30
CA LEU B 39 20.56 -14.58 -0.48
C LEU B 39 20.53 -13.19 -1.09
N THR B 40 19.33 -12.69 -1.35
CA THR B 40 19.14 -11.45 -2.12
C THR B 40 18.29 -10.50 -1.29
N TRP B 41 18.61 -9.20 -1.32
CA TRP B 41 17.84 -8.19 -0.59
C TRP B 41 17.20 -7.22 -1.57
N TYR B 42 15.92 -6.93 -1.34
CA TYR B 42 15.14 -5.97 -2.12
C TYR B 42 14.59 -4.87 -1.23
N GLN B 43 14.43 -3.69 -1.83
CA GLN B 43 13.76 -2.54 -1.22
C GLN B 43 12.46 -2.29 -1.96
N GLN B 44 11.35 -2.09 -1.23
CA GLN B 44 10.07 -1.84 -1.91
C GLN B 44 9.32 -0.70 -1.25
N LYS B 45 9.07 0.30 -2.01
CA LYS B 45 8.25 1.42 -1.57
C LYS B 45 6.80 1.25 -2.00
N PRO B 46 5.86 1.84 -1.27
CA PRO B 46 4.43 1.62 -1.58
C PRO B 46 4.09 2.02 -3.00
N GLY B 47 3.32 1.15 -3.67
CA GLY B 47 2.91 1.40 -5.03
C GLY B 47 3.94 1.07 -6.08
N GLN B 48 5.20 0.84 -5.71
CA GLN B 48 6.26 0.56 -6.66
C GLN B 48 6.64 -0.91 -6.67
N PRO B 49 7.26 -1.39 -7.75
CA PRO B 49 7.89 -2.72 -7.73
C PRO B 49 9.10 -2.72 -6.82
N PRO B 50 9.50 -3.88 -6.32
CA PRO B 50 10.74 -3.95 -5.53
C PRO B 50 11.93 -3.57 -6.40
N LYS B 51 13.02 -3.21 -5.72
CA LYS B 51 14.27 -2.81 -6.34
C LYS B 51 15.41 -3.61 -5.72
N LEU B 52 16.28 -4.18 -6.56
CA LEU B 52 17.38 -5.00 -6.07
C LEU B 52 18.42 -4.16 -5.33
N LEU B 53 18.80 -4.57 -4.12
CA LEU B 53 19.85 -3.90 -3.34
C LEU B 53 21.15 -4.68 -3.29
N ILE B 54 21.09 -5.95 -2.90
CA ILE B 54 22.26 -6.75 -2.59
C ILE B 54 21.98 -8.17 -3.07
N TYR B 55 22.99 -8.82 -3.63
CA TYR B 55 22.85 -10.22 -4.02
C TYR B 55 24.11 -10.98 -3.62
N TRP B 56 24.04 -12.31 -3.69
CA TRP B 56 25.11 -13.15 -3.15
C TRP B 56 25.45 -12.73 -1.72
N ALA B 57 24.40 -12.34 -0.97
CA ALA B 57 24.45 -11.92 0.44
C ALA B 57 25.16 -10.59 0.71
N SER B 58 26.22 -10.26 -0.07
CA SER B 58 27.02 -9.07 0.26
C SER B 58 27.45 -8.22 -0.92
N THR B 59 27.06 -8.56 -2.15
CA THR B 59 27.45 -7.76 -3.32
C THR B 59 26.38 -6.70 -3.58
N ARG B 60 26.77 -5.43 -3.59
CA ARG B 60 25.84 -4.35 -3.83
C ARG B 60 25.53 -4.23 -5.31
N GLU B 61 24.24 -4.12 -5.63
CA GLU B 61 23.81 -3.82 -6.98
C GLU B 61 24.35 -2.46 -7.43
N SER B 62 24.70 -2.37 -8.71
CA SER B 62 25.15 -1.11 -9.28
C SER B 62 24.13 -0.01 -9.02
N GLY B 63 24.63 1.19 -8.64
CA GLY B 63 23.78 2.30 -8.30
C GLY B 63 23.38 2.40 -6.84
N VAL B 64 23.56 1.34 -6.07
CA VAL B 64 23.21 1.34 -4.65
C VAL B 64 24.40 1.89 -3.84
N PRO B 65 24.19 2.88 -2.97
CA PRO B 65 25.32 3.49 -2.27
C PRO B 65 25.83 2.59 -1.15
N ASP B 66 27.06 2.88 -0.74
CA ASP B 66 27.75 1.95 0.16
C ASP B 66 27.27 2.05 1.61
N ARG B 67 26.28 2.89 1.91
CA ARG B 67 25.70 2.81 3.26
C ARG B 67 24.79 1.60 3.40
N PHE B 68 24.45 0.91 2.30
CA PHE B 68 23.78 -0.38 2.37
C PHE B 68 24.84 -1.49 2.38
N SER B 69 24.79 -2.37 3.37
CA SER B 69 25.76 -3.45 3.52
C SER B 69 25.04 -4.75 3.86
N GLY B 70 25.32 -5.80 3.10
CA GLY B 70 24.84 -7.15 3.40
C GLY B 70 25.93 -8.01 4.01
N SER B 71 25.56 -8.79 5.03
CA SER B 71 26.52 -9.68 5.66
C SER B 71 25.86 -10.99 6.05
N GLY B 72 26.66 -11.94 6.49
CA GLY B 72 26.17 -13.21 6.97
C GLY B 72 26.53 -14.36 6.04
N SER B 73 26.25 -15.58 6.52
N SER B 73 26.20 -15.57 6.51
CA SER B 73 26.52 -16.77 5.73
CA SER B 73 26.49 -16.77 5.76
C SER B 73 25.69 -17.93 6.26
C SER B 73 25.54 -17.87 6.21
N GLY B 74 25.39 -18.88 5.37
CA GLY B 74 24.66 -20.07 5.74
C GLY B 74 23.17 -19.83 5.93
N THR B 75 22.76 -19.63 7.19
CA THR B 75 21.35 -19.39 7.51
C THR B 75 21.03 -18.05 8.14
N ASP B 76 22.04 -17.22 8.46
N ASP B 76 22.04 -17.26 8.51
CA ASP B 76 21.84 -16.00 9.24
CA ASP B 76 21.82 -15.99 9.20
C ASP B 76 22.44 -14.80 8.51
C ASP B 76 22.41 -14.88 8.36
N PHE B 77 21.59 -13.88 8.07
CA PHE B 77 21.98 -12.77 7.21
C PHE B 77 21.49 -11.46 7.78
N THR B 78 22.22 -10.39 7.43
CA THR B 78 21.90 -9.07 7.97
C THR B 78 22.06 -8.01 6.89
N LEU B 79 21.07 -7.13 6.80
CA LEU B 79 21.20 -5.91 5.99
C LEU B 79 21.36 -4.75 6.96
N THR B 80 22.44 -3.99 6.80
CA THR B 80 22.69 -2.82 7.63
C THR B 80 22.61 -1.58 6.75
N ILE B 81 21.80 -0.62 7.18
CA ILE B 81 21.71 0.67 6.50
C ILE B 81 22.30 1.68 7.45
N SER B 82 23.46 2.21 7.10
N SER B 82 23.44 2.23 7.09
CA SER B 82 24.08 3.27 7.89
CA SER B 82 24.02 3.27 7.91
C SER B 82 23.57 4.64 7.43
C SER B 82 23.54 4.63 7.44
N SER B 83 23.63 5.60 8.35
CA SER B 83 23.23 6.97 8.09
C SER B 83 21.86 7.04 7.39
N LEU B 84 20.85 6.51 8.08
CA LEU B 84 19.52 6.41 7.48
C LEU B 84 19.03 7.76 6.96
N GLN B 85 18.41 7.72 5.77
CA GLN B 85 17.82 8.87 5.09
C GLN B 85 16.33 8.64 4.90
N ALA B 86 15.56 9.73 4.72
CA ALA B 86 14.12 9.59 4.48
C ALA B 86 13.83 8.74 3.24
N GLU B 87 14.70 8.80 2.24
N GLU B 87 14.71 8.79 2.22
CA GLU B 87 14.53 7.99 1.04
CA GLU B 87 14.51 7.97 1.03
C GLU B 87 14.57 6.50 1.35
C GLU B 87 14.74 6.49 1.29
N ASP B 88 15.13 6.11 2.49
CA ASP B 88 15.27 4.69 2.83
C ASP B 88 14.02 4.13 3.46
N VAL B 89 13.01 4.96 3.72
CA VAL B 89 11.76 4.48 4.27
C VAL B 89 11.10 3.58 3.24
N ALA B 90 10.89 2.31 3.60
CA ALA B 90 10.51 1.27 2.65
C ALA B 90 10.30 -0.02 3.43
N VAL B 91 9.79 -1.04 2.74
CA VAL B 91 9.78 -2.41 3.24
C VAL B 91 10.95 -3.14 2.59
N TYR B 92 11.74 -3.85 3.39
CA TYR B 92 12.91 -4.57 2.91
C TYR B 92 12.60 -6.07 2.98
N TYR B 93 12.91 -6.78 1.91
CA TYR B 93 12.67 -8.20 1.82
C TYR B 93 13.95 -8.95 1.54
N CYS B 94 14.16 -10.07 2.21
N CYS B 94 14.11 -10.08 2.21
CA CYS B 94 15.18 -11.01 1.75
CA CYS B 94 15.04 -11.09 1.76
C CYS B 94 14.52 -12.09 0.92
C CYS B 94 14.44 -11.89 0.62
N GLN B 95 15.29 -12.69 0.01
CA GLN B 95 14.78 -13.76 -0.85
CA GLN B 95 14.78 -13.74 -0.86
C GLN B 95 15.77 -14.89 -0.92
N ASN B 96 15.28 -16.11 -0.77
CA ASN B 96 16.03 -17.33 -1.05
C ASN B 96 16.17 -17.45 -2.57
N ASP B 97 17.42 -17.38 -3.05
CA ASP B 97 17.75 -17.64 -4.44
C ASP B 97 18.52 -18.95 -4.60
N TYR B 98 18.50 -19.79 -3.59
CA TYR B 98 19.28 -21.02 -3.57
C TYR B 98 18.53 -22.21 -4.20
N SER B 99 17.26 -22.40 -3.85
CA SER B 99 16.56 -23.58 -4.35
C SER B 99 15.06 -23.29 -4.44
N TYR B 100 14.39 -23.96 -5.40
CA TYR B 100 12.97 -23.74 -5.64
C TYR B 100 12.11 -24.37 -4.55
N PRO B 101 10.97 -23.76 -4.24
CA PRO B 101 10.48 -22.48 -4.78
C PRO B 101 11.27 -21.32 -4.24
N LEU B 102 11.49 -20.30 -5.05
CA LEU B 102 12.12 -19.11 -4.52
C LEU B 102 11.12 -18.55 -3.53
N THR B 103 11.60 -18.24 -2.33
N THR B 103 11.60 -18.23 -2.33
CA THR B 103 10.73 -17.79 -1.26
CA THR B 103 10.73 -17.80 -1.26
C THR B 103 11.25 -16.48 -0.70
C THR B 103 11.25 -16.50 -0.66
N PHE B 104 10.32 -15.67 -0.19
CA PHE B 104 10.63 -14.37 0.37
C PHE B 104 10.43 -14.36 1.88
N GLY B 105 11.20 -13.52 2.55
CA GLY B 105 10.86 -13.16 3.91
C GLY B 105 9.57 -12.36 3.93
N GLN B 106 9.07 -12.13 5.15
CA GLN B 106 7.79 -11.46 5.30
C GLN B 106 7.87 -9.94 5.22
N GLY B 107 9.07 -9.39 5.11
CA GLY B 107 9.27 -7.95 5.05
C GLY B 107 9.56 -7.33 6.40
N THR B 108 10.39 -6.29 6.38
CA THR B 108 10.66 -5.45 7.53
C THR B 108 10.38 -4.03 7.10
N LYS B 109 9.46 -3.35 7.79
CA LYS B 109 9.10 -1.99 7.42
C LYS B 109 9.96 -1.01 8.22
N VAL B 110 10.69 -0.15 7.52
CA VAL B 110 11.53 0.88 8.15
C VAL B 110 10.80 2.21 8.10
N GLU B 111 10.74 2.89 9.24
CA GLU B 111 10.23 4.26 9.31
C GLU B 111 11.28 5.12 10.00
N ILE B 112 11.16 6.43 9.81
CA ILE B 112 12.00 7.37 10.56
C ILE B 112 11.43 7.57 11.96
N LYS B 113 12.29 7.50 12.97
CA LYS B 113 11.93 7.89 14.32
C LYS B 113 12.19 9.37 14.50
N ARG B 114 11.20 10.08 15.03
CA ARG B 114 11.33 11.49 15.35
C ARG B 114 10.79 11.70 16.76
N THR B 115 10.96 12.92 17.27
N THR B 115 10.96 12.92 17.26
CA THR B 115 10.40 13.21 18.58
CA THR B 115 10.38 13.27 18.55
C THR B 115 8.87 13.11 18.53
C THR B 115 8.86 13.08 18.51
N VAL B 116 8.31 12.67 19.65
CA VAL B 116 6.86 12.48 19.74
C VAL B 116 6.11 13.75 19.37
N ALA B 117 5.07 13.59 18.56
CA ALA B 117 4.24 14.71 18.09
C ALA B 117 2.79 14.31 18.29
N ALA B 118 2.06 15.12 19.07
CA ALA B 118 0.64 14.87 19.31
C ALA B 118 -0.20 15.18 18.07
N PRO B 119 -1.29 14.44 17.86
CA PRO B 119 -2.18 14.74 16.73
C PRO B 119 -3.03 15.97 17.00
N SER B 120 -3.34 16.69 15.91
CA SER B 120 -4.41 17.68 15.92
C SER B 120 -5.68 16.97 15.47
N VAL B 121 -6.75 17.10 16.26
CA VAL B 121 -7.95 16.27 16.07
C VAL B 121 -9.07 17.15 15.53
N PHE B 122 -9.82 16.60 14.56
CA PHE B 122 -10.99 17.27 13.98
C PHE B 122 -12.12 16.26 13.81
N ILE B 123 -13.36 16.71 14.02
CA ILE B 123 -14.53 15.86 13.79
C ILE B 123 -15.43 16.49 12.73
N PHE B 124 -16.01 15.65 11.87
CA PHE B 124 -16.89 16.12 10.79
C PHE B 124 -18.22 15.38 10.85
N PRO B 125 -19.34 16.08 11.01
CA PRO B 125 -20.65 15.42 10.95
C PRO B 125 -20.94 14.95 9.53
N PRO B 126 -21.91 14.05 9.36
CA PRO B 126 -22.32 13.69 7.99
C PRO B 126 -22.96 14.87 7.29
N SER B 127 -22.75 14.93 5.98
CA SER B 127 -23.37 15.97 5.17
C SER B 127 -24.88 15.74 5.03
N ASP B 128 -25.61 16.85 4.88
CA ASP B 128 -27.04 16.73 4.60
C ASP B 128 -27.29 15.92 3.34
N GLU B 129 -26.42 16.07 2.33
N GLU B 129 -26.42 16.07 2.33
CA GLU B 129 -26.58 15.33 1.08
CA GLU B 129 -26.60 15.32 1.09
C GLU B 129 -26.53 13.83 1.33
C GLU B 129 -26.54 13.82 1.32
N GLN B 130 -25.56 13.38 2.12
CA GLN B 130 -25.44 11.95 2.41
C GLN B 130 -26.65 11.43 3.17
N LEU B 131 -27.18 12.24 4.09
CA LEU B 131 -28.27 11.80 4.94
C LEU B 131 -29.49 11.39 4.13
N LYS B 132 -29.72 12.04 2.98
CA LYS B 132 -30.81 11.64 2.09
C LYS B 132 -30.74 10.19 1.65
N SER B 133 -29.57 9.55 1.77
CA SER B 133 -29.31 8.21 1.23
C SER B 133 -29.61 7.08 2.21
N GLY B 134 -29.84 7.36 3.50
CA GLY B 134 -30.14 6.33 4.47
C GLY B 134 -28.97 5.88 5.31
N THR B 135 -27.76 6.33 5.00
CA THR B 135 -26.56 6.02 5.76
C THR B 135 -25.87 7.33 6.12
N ALA B 136 -25.19 7.35 7.27
CA ALA B 136 -24.49 8.53 7.75
C ALA B 136 -23.05 8.16 8.08
N SER B 137 -22.10 8.97 7.62
CA SER B 137 -20.69 8.77 7.94
C SER B 137 -20.20 9.93 8.78
N VAL B 138 -19.59 9.61 9.92
CA VAL B 138 -18.97 10.61 10.80
C VAL B 138 -17.46 10.38 10.77
N VAL B 139 -16.70 11.45 10.53
CA VAL B 139 -15.27 11.30 10.28
C VAL B 139 -14.50 12.02 11.37
N CYS B 140 -13.49 11.34 11.93
N CYS B 140 -13.52 11.32 11.94
CA CYS B 140 -12.59 11.93 12.92
CA CYS B 140 -12.57 11.89 12.88
C CYS B 140 -11.17 11.86 12.38
C CYS B 140 -11.20 11.87 12.23
N LEU B 141 -10.52 13.02 12.25
CA LEU B 141 -9.19 13.17 11.66
C LEU B 141 -8.18 13.40 12.77
N LEU B 142 -7.09 12.61 12.76
CA LEU B 142 -5.92 12.82 13.60
C LEU B 142 -4.80 13.26 12.66
N ASN B 143 -4.33 14.49 12.78
CA ASN B 143 -3.41 15.05 11.80
C ASN B 143 -2.00 15.20 12.35
N ASN B 144 -1.03 14.65 11.61
CA ASN B 144 0.40 14.96 11.72
C ASN B 144 0.97 14.59 13.09
N PHE B 145 0.99 13.29 13.37
CA PHE B 145 1.43 12.82 14.68
C PHE B 145 2.48 11.73 14.55
N TYR B 146 3.20 11.48 15.65
CA TYR B 146 4.21 10.42 15.71
C TYR B 146 4.36 10.02 17.18
N PRO B 147 4.45 8.74 17.50
CA PRO B 147 4.44 7.55 16.62
C PRO B 147 3.04 7.22 16.12
N ARG B 148 2.95 6.19 15.28
CA ARG B 148 1.69 5.86 14.61
C ARG B 148 0.65 5.31 15.56
N GLU B 149 1.07 4.70 16.67
CA GLU B 149 0.11 4.10 17.59
C GLU B 149 -0.79 5.16 18.19
N ALA B 150 -2.10 4.88 18.15
CA ALA B 150 -3.09 5.79 18.66
C ALA B 150 -4.37 5.01 18.90
N LYS B 151 -5.12 5.43 19.91
CA LYS B 151 -6.42 4.86 20.21
C LYS B 151 -7.51 5.89 19.89
N VAL B 152 -8.44 5.51 19.02
CA VAL B 152 -9.55 6.37 18.64
C VAL B 152 -10.83 5.65 19.04
N GLN B 153 -11.59 6.25 19.96
CA GLN B 153 -12.85 5.69 20.43
C GLN B 153 -14.02 6.59 20.06
N TRP B 154 -15.05 5.99 19.50
CA TRP B 154 -16.29 6.70 19.22
C TRP B 154 -17.27 6.56 20.38
N LYS B 155 -17.91 7.68 20.73
CA LYS B 155 -18.98 7.68 21.72
C LYS B 155 -20.22 8.31 21.10
N VAL B 156 -21.36 7.65 21.25
CA VAL B 156 -22.65 8.18 20.81
C VAL B 156 -23.55 8.27 22.03
N ASP B 157 -23.95 9.50 22.39
CA ASP B 157 -24.68 9.72 23.64
C ASP B 157 -23.95 9.06 24.80
N ASN B 158 -22.62 9.14 24.74
CA ASN B 158 -21.67 8.63 25.73
C ASN B 158 -21.59 7.11 25.77
N ALA B 159 -22.18 6.42 24.80
CA ALA B 159 -22.03 4.97 24.71
C ALA B 159 -20.86 4.63 23.79
N LEU B 160 -19.92 3.81 24.29
CA LEU B 160 -18.77 3.45 23.48
C LEU B 160 -19.21 2.55 22.33
N GLN B 161 -18.79 2.91 21.12
CA GLN B 161 -19.12 2.16 19.92
C GLN B 161 -18.08 1.07 19.65
N SER B 162 -18.53 -0.02 19.04
N SER B 162 -18.53 -0.02 19.02
CA SER B 162 -17.65 -1.10 18.62
CA SER B 162 -17.63 -1.09 18.61
C SER B 162 -18.20 -1.74 17.36
C SER B 162 -18.20 -1.74 17.36
N GLY B 163 -17.31 -2.05 16.41
CA GLY B 163 -17.68 -2.78 15.22
C GLY B 163 -18.18 -1.95 14.05
N ASN B 164 -18.47 -0.66 14.26
CA ASN B 164 -19.07 0.17 13.22
C ASN B 164 -18.15 1.31 12.77
N SER B 165 -16.84 1.16 12.94
CA SER B 165 -15.91 2.14 12.42
C SER B 165 -14.75 1.46 11.70
N GLN B 166 -14.13 2.20 10.77
CA GLN B 166 -12.94 1.72 10.07
C GLN B 166 -11.90 2.84 10.10
N GLU B 167 -10.63 2.46 10.25
CA GLU B 167 -9.51 3.40 10.27
C GLU B 167 -8.68 3.27 9.00
N SER B 168 -8.09 4.39 8.59
CA SER B 168 -7.10 4.42 7.54
C SER B 168 -5.96 5.31 8.00
N VAL B 169 -4.73 4.91 7.69
CA VAL B 169 -3.57 5.68 8.10
C VAL B 169 -2.70 5.95 6.87
N THR B 170 -2.12 7.14 6.82
CA THR B 170 -1.21 7.47 5.73
C THR B 170 0.11 6.73 5.87
N GLU B 171 0.86 6.69 4.76
CA GLU B 171 2.27 6.40 4.89
C GLU B 171 2.97 7.55 5.63
N GLN B 172 4.20 7.30 6.08
CA GLN B 172 4.93 8.36 6.77
C GLN B 172 5.24 9.52 5.82
N ASP B 173 5.03 10.74 6.32
CA ASP B 173 5.40 11.92 5.55
C ASP B 173 6.91 11.99 5.41
N SER B 174 7.41 12.23 4.18
CA SER B 174 8.85 12.16 3.95
C SER B 174 9.60 13.34 4.55
N LYS B 175 8.96 14.51 4.65
CA LYS B 175 9.65 15.68 5.15
C LYS B 175 9.63 15.82 6.67
N ASP B 176 8.54 15.44 7.32
CA ASP B 176 8.39 15.64 8.76
C ASP B 176 8.11 14.37 9.56
N SER B 177 8.07 13.21 8.90
CA SER B 177 8.07 11.91 9.56
C SER B 177 6.82 11.64 10.37
N THR B 178 5.73 12.29 10.03
CA THR B 178 4.48 12.14 10.77
C THR B 178 3.49 11.28 9.99
N TYR B 179 2.45 10.88 10.71
CA TYR B 179 1.31 10.16 10.15
C TYR B 179 0.06 11.00 10.34
N SER B 180 -0.95 10.70 9.52
CA SER B 180 -2.29 11.17 9.80
C SER B 180 -3.21 9.95 9.69
N LEU B 181 -4.36 10.05 10.35
CA LEU B 181 -5.25 8.90 10.45
C LEU B 181 -6.69 9.38 10.39
N SER B 182 -7.54 8.61 9.72
CA SER B 182 -8.97 8.86 9.72
C SER B 182 -9.67 7.68 10.39
N SER B 183 -10.68 7.98 11.20
CA SER B 183 -11.61 6.98 11.69
C SER B 183 -13.00 7.39 11.23
N THR B 184 -13.70 6.47 10.59
CA THR B 184 -15.01 6.77 10.02
C THR B 184 -16.04 5.86 10.68
N LEU B 185 -17.01 6.48 11.33
CA LEU B 185 -18.12 5.79 11.97
C LEU B 185 -19.30 5.77 10.99
N THR B 186 -19.82 4.58 10.69
CA THR B 186 -20.90 4.42 9.74
C THR B 186 -22.15 3.97 10.48
N LEU B 187 -23.21 4.77 10.39
CA LEU B 187 -24.50 4.51 11.03
C LEU B 187 -25.61 4.59 10.01
N SER B 188 -26.71 3.91 10.29
CA SER B 188 -27.92 4.18 9.54
C SER B 188 -28.40 5.60 9.83
N LYS B 189 -29.12 6.19 8.87
CA LYS B 189 -29.76 7.47 9.11
C LYS B 189 -30.64 7.39 10.35
N ALA B 190 -31.37 6.29 10.49
CA ALA B 190 -32.28 6.17 11.63
C ALA B 190 -31.53 6.25 12.94
N ASP B 191 -30.41 5.53 13.05
CA ASP B 191 -29.64 5.60 14.28
C ASP B 191 -29.01 6.97 14.48
N TYR B 192 -28.52 7.58 13.40
CA TYR B 192 -27.94 8.91 13.50
C TYR B 192 -28.95 9.92 14.01
N GLU B 193 -30.18 9.87 13.51
CA GLU B 193 -31.19 10.84 13.93
C GLU B 193 -31.79 10.51 15.30
N LYS B 194 -31.57 9.30 15.81
CA LYS B 194 -32.06 8.91 17.12
C LYS B 194 -31.20 9.50 18.25
N HIS B 195 -29.93 9.75 17.99
CA HIS B 195 -28.99 10.12 19.04
C HIS B 195 -28.49 11.54 18.80
N LYS B 196 -27.89 12.13 19.83
CA LYS B 196 -27.60 13.57 19.81
C LYS B 196 -26.11 13.90 19.84
N VAL B 197 -25.33 13.29 20.73
CA VAL B 197 -23.95 13.69 20.98
C VAL B 197 -23.02 12.70 20.28
N TYR B 198 -22.15 13.21 19.41
CA TYR B 198 -21.20 12.39 18.66
C TYR B 198 -19.80 12.85 19.04
N ALA B 199 -19.00 11.94 19.54
CA ALA B 199 -17.68 12.32 20.03
C ALA B 199 -16.64 11.30 19.61
N CYS B 200 -15.47 11.77 19.22
N CYS B 200 -15.44 11.81 19.34
CA CYS B 200 -14.32 10.89 19.07
CA CYS B 200 -14.26 11.02 19.02
C CYS B 200 -13.27 11.30 20.09
C CYS B 200 -13.20 11.33 20.07
N GLU B 201 -12.77 10.32 20.83
CA GLU B 201 -11.79 10.50 21.88
C GLU B 201 -10.47 9.88 21.45
N VAL B 202 -9.41 10.67 21.47
CA VAL B 202 -8.10 10.26 20.93
C VAL B 202 -7.10 10.14 22.08
N THR B 203 -6.47 8.97 22.20
CA THR B 203 -5.37 8.74 23.12
C THR B 203 -4.09 8.58 22.32
N HIS B 204 -3.04 9.29 22.74
CA HIS B 204 -1.77 9.28 22.04
C HIS B 204 -0.66 9.62 23.02
N GLN B 205 0.53 9.09 22.77
CA GLN B 205 1.68 9.32 23.67
C GLN B 205 1.97 10.81 23.82
N GLY B 206 1.71 11.60 22.79
CA GLY B 206 2.00 13.02 22.85
C GLY B 206 0.96 13.85 23.59
N LEU B 207 -0.13 13.24 24.05
CA LEU B 207 -1.21 13.93 24.74
C LEU B 207 -1.19 13.55 26.21
N SER B 208 -1.07 14.54 27.09
CA SER B 208 -1.05 14.21 28.51
C SER B 208 -2.41 13.70 28.96
N SER B 209 -3.48 14.15 28.32
CA SER B 209 -4.86 13.72 28.49
C SER B 209 -5.43 13.39 27.13
N PRO B 210 -6.33 12.42 27.03
CA PRO B 210 -7.04 12.19 25.77
C PRO B 210 -7.78 13.44 25.32
N VAL B 211 -7.82 13.65 24.01
CA VAL B 211 -8.48 14.79 23.41
C VAL B 211 -9.81 14.33 22.86
N THR B 212 -10.89 15.04 23.17
CA THR B 212 -12.20 14.73 22.62
C THR B 212 -12.66 15.88 21.72
N LYS B 213 -13.11 15.53 20.53
CA LYS B 213 -13.84 16.46 19.68
C LYS B 213 -15.24 15.90 19.52
N SER B 214 -16.23 16.79 19.63
CA SER B 214 -17.61 16.33 19.63
C SER B 214 -18.49 17.37 18.94
N PHE B 215 -19.65 16.91 18.48
CA PHE B 215 -20.70 17.81 18.04
C PHE B 215 -22.05 17.26 18.48
N ASN B 216 -23.02 18.16 18.56
CA ASN B 216 -24.43 17.78 18.74
C ASN B 216 -25.11 17.81 17.38
N ARG B 217 -25.77 16.72 17.02
CA ARG B 217 -26.47 16.65 15.73
C ARG B 217 -27.44 17.81 15.59
N GLY B 218 -27.37 18.48 14.44
CA GLY B 218 -28.32 19.52 14.10
C GLY B 218 -27.93 20.92 14.52
N GLU B 219 -26.77 21.10 15.15
CA GLU B 219 -26.33 22.41 15.61
C GLU B 219 -25.56 23.18 14.53
#